data_3UF5
#
_entry.id   3UF5
#
_cell.length_a   36.320
_cell.length_b   68.690
_cell.length_c   144.620
_cell.angle_alpha   90.00
_cell.angle_beta   90.00
_cell.angle_gamma   90.00
#
_symmetry.space_group_name_H-M   'P 21 21 21'
#
loop_
_entity.id
_entity.type
_entity.pdbx_description
1 polymer 'Macrophage colony-stimulating factor 1'
2 non-polymer 'CALCIUM ION'
3 water water
#
_entity_poly.entity_id   1
_entity_poly.type   'polypeptide(L)'
_entity_poly.pdbx_seq_one_letter_code
;GSHMKEVSEHCSHMIGNGHLKVLQQLIDSQMETSCQIAFEFVDQEQLDDPVCYLKKAFFLVQDIIDETMRFKDNTPNANA
TERLQELSNNLNSCFTKDYEEQNKACVRTFHETPLQLLEKIKNFFNETKNLLEKDWNIFTKNCNNSFAKCSSR
;
_entity_poly.pdbx_strand_id   A,B
#
# COMPACT_ATOMS: atom_id res chain seq x y z
N LYS A 5 0.02 40.18 -5.92
CA LYS A 5 0.84 40.72 -4.79
C LYS A 5 0.28 40.30 -3.44
N GLU A 6 -0.96 39.80 -3.44
CA GLU A 6 -1.57 39.27 -2.22
C GLU A 6 -2.55 38.17 -2.58
N VAL A 7 -2.92 37.36 -1.59
CA VAL A 7 -3.88 36.28 -1.79
C VAL A 7 -4.99 36.36 -0.76
N SER A 8 -6.12 35.74 -1.07
CA SER A 8 -7.27 35.78 -0.18
C SER A 8 -6.89 35.38 1.23
N GLU A 9 -7.40 36.12 2.21
CA GLU A 9 -7.15 35.85 3.61
C GLU A 9 -7.60 34.45 4.01
N HIS A 10 -8.48 33.85 3.21
CA HIS A 10 -9.05 32.55 3.53
C HIS A 10 -8.06 31.41 3.28
N CYS A 11 -6.93 31.72 2.65
CA CYS A 11 -5.85 30.76 2.53
C CYS A 11 -5.39 30.34 3.93
N SER A 12 -5.66 31.20 4.90
CA SER A 12 -5.35 30.93 6.30
C SER A 12 -5.84 29.56 6.76
N HIS A 13 -7.08 29.23 6.42
CA HIS A 13 -7.74 28.03 6.96
C HIS A 13 -8.10 27.01 5.88
N MET A 14 -7.60 27.21 4.67
CA MET A 14 -7.95 26.36 3.54
C MET A 14 -7.59 24.89 3.79
N ILE A 15 -6.52 24.65 4.52
CA ILE A 15 -6.13 23.31 4.93
C ILE A 15 -6.55 23.06 6.37
N GLY A 16 -7.31 22.00 6.60
CA GLY A 16 -7.83 21.69 7.92
C GLY A 16 -7.26 20.42 8.49
N ASN A 17 -7.36 20.26 9.79
CA ASN A 17 -6.92 19.04 10.46
C ASN A 17 -7.60 17.83 9.84
N GLY A 18 -8.80 18.03 9.31
CA GLY A 18 -9.54 16.98 8.66
C GLY A 18 -8.80 16.43 7.46
N HIS A 19 -8.14 17.32 6.72
CA HIS A 19 -7.36 16.92 5.54
C HIS A 19 -6.16 16.09 5.95
N LEU A 20 -5.53 16.49 7.05
CA LEU A 20 -4.36 15.77 7.55
C LEU A 20 -4.74 14.44 8.16
N LYS A 21 -5.94 14.37 8.73
CA LYS A 21 -6.40 13.15 9.38
C LYS A 21 -6.64 12.05 8.36
N VAL A 22 -7.41 12.34 7.32
CA VAL A 22 -7.70 11.37 6.28
C VAL A 22 -6.39 10.95 5.60
N LEU A 23 -5.42 11.84 5.59
CA LEU A 23 -4.13 11.54 4.98
C LEU A 23 -3.34 10.56 5.84
N GLN A 24 -3.35 10.80 7.15
CA GLN A 24 -2.63 9.93 8.08
C GLN A 24 -3.23 8.53 8.06
N GLN A 25 -4.55 8.45 7.96
CA GLN A 25 -5.24 7.16 7.84
C GLN A 25 -4.79 6.45 6.57
N LEU A 26 -4.94 7.14 5.45
CA LEU A 26 -4.49 6.62 4.17
C LEU A 26 -3.10 6.02 4.31
N ILE A 27 -2.23 6.71 5.04
CA ILE A 27 -0.87 6.26 5.26
C ILE A 27 -0.81 5.00 6.12
N ASP A 28 -1.58 4.99 7.19
CA ASP A 28 -1.53 3.88 8.15
C ASP A 28 -2.03 2.58 7.55
N SER A 29 -2.85 2.67 6.50
CA SER A 29 -3.44 1.48 5.90
C SER A 29 -2.53 0.82 4.86
N GLN A 30 -1.43 1.49 4.51
CA GLN A 30 -0.53 0.98 3.48
C GLN A 30 0.44 -0.06 4.02
N MET A 31 0.49 -1.20 3.35
CA MET A 31 1.38 -2.28 3.74
C MET A 31 2.84 -1.87 3.57
N GLU A 32 3.63 -2.07 4.62
CA GLU A 32 5.04 -1.73 4.59
C GLU A 32 5.80 -2.74 3.71
N THR A 33 6.48 -2.23 2.69
CA THR A 33 7.27 -3.07 1.81
C THR A 33 8.54 -2.33 1.40
N SER A 34 9.46 -3.05 0.76
CA SER A 34 10.69 -2.43 0.27
C SER A 34 10.61 -2.19 -1.24
N CYS A 35 9.43 -2.41 -1.81
CA CYS A 35 9.19 -2.07 -3.21
C CYS A 35 9.39 -0.57 -3.39
N GLN A 36 10.24 -0.19 -4.33
CA GLN A 36 10.56 1.22 -4.53
C GLN A 36 10.01 1.75 -5.83
N ILE A 37 9.36 2.91 -5.74
CA ILE A 37 8.87 3.62 -6.92
C ILE A 37 9.80 4.80 -7.22
N ALA A 38 9.65 5.38 -8.39
CA ALA A 38 10.48 6.51 -8.80
C ALA A 38 9.62 7.75 -9.05
N PHE A 39 10.02 8.88 -8.49
CA PHE A 39 9.24 10.10 -8.62
C PHE A 39 10.13 11.33 -8.53
N GLU A 40 9.65 12.44 -9.08
CA GLU A 40 10.38 13.69 -9.01
C GLU A 40 9.93 14.45 -7.76
N PHE A 41 10.89 15.04 -7.05
CA PHE A 41 10.58 15.88 -5.90
C PHE A 41 11.69 16.91 -5.69
N VAL A 42 11.51 17.79 -4.71
CA VAL A 42 12.48 18.85 -4.42
C VAL A 42 13.76 18.31 -3.81
N ASP A 43 14.89 18.75 -4.34
CA ASP A 43 16.19 18.38 -3.82
C ASP A 43 16.59 19.32 -2.70
N GLN A 44 16.31 18.94 -1.46
CA GLN A 44 16.58 19.79 -0.31
C GLN A 44 17.97 20.41 -0.35
N GLU A 45 18.94 19.68 -0.89
CA GLU A 45 20.33 20.12 -0.88
C GLU A 45 20.51 21.41 -1.69
N GLN A 46 19.81 21.51 -2.81
CA GLN A 46 19.91 22.69 -3.67
C GLN A 46 18.89 23.75 -3.32
N LEU A 47 17.90 23.38 -2.49
CA LEU A 47 16.83 24.28 -2.12
C LEU A 47 16.41 24.04 -0.68
N ASP A 48 16.95 24.84 0.24
CA ASP A 48 16.67 24.64 1.66
C ASP A 48 15.83 25.77 2.27
N ASP A 49 15.58 26.83 1.51
CA ASP A 49 14.73 27.90 1.99
C ASP A 49 13.34 27.36 2.28
N PRO A 50 12.88 27.47 3.54
CA PRO A 50 11.60 26.89 3.95
C PRO A 50 10.42 27.30 3.05
N VAL A 51 10.26 28.58 2.79
CA VAL A 51 9.15 29.06 1.96
C VAL A 51 9.27 28.60 0.52
N CYS A 52 10.38 28.93 -0.12
CA CYS A 52 10.59 28.59 -1.52
C CYS A 52 10.60 27.08 -1.75
N TYR A 53 11.04 26.32 -0.75
CA TYR A 53 11.04 24.88 -0.85
C TYR A 53 9.61 24.39 -1.11
N LEU A 54 8.69 24.90 -0.30
CA LEU A 54 7.30 24.48 -0.38
C LEU A 54 6.62 24.96 -1.67
N LYS A 55 6.94 26.18 -2.11
CA LYS A 55 6.40 26.68 -3.36
C LYS A 55 6.76 25.73 -4.49
N LYS A 56 8.02 25.33 -4.53
CA LYS A 56 8.48 24.42 -5.56
C LYS A 56 7.77 23.08 -5.43
N ALA A 57 7.60 22.61 -4.19
CA ALA A 57 7.00 21.31 -3.93
C ALA A 57 5.54 21.28 -4.37
N PHE A 58 4.84 22.39 -4.21
CA PHE A 58 3.40 22.43 -4.46
C PHE A 58 3.03 21.76 -5.78
N PHE A 59 3.60 22.23 -6.88
CA PHE A 59 3.27 21.68 -8.19
C PHE A 59 3.64 20.21 -8.27
N LEU A 60 4.77 19.85 -7.67
CA LEU A 60 5.23 18.47 -7.68
C LEU A 60 4.25 17.58 -6.91
N VAL A 61 3.70 18.10 -5.82
CA VAL A 61 2.71 17.37 -5.04
C VAL A 61 1.41 17.25 -5.83
N GLN A 62 1.10 18.28 -6.62
CA GLN A 62 -0.05 18.25 -7.51
C GLN A 62 0.03 17.04 -8.43
N ASP A 63 1.15 16.92 -9.13
CA ASP A 63 1.37 15.82 -10.06
C ASP A 63 1.23 14.47 -9.35
N ILE A 64 1.94 14.29 -8.26
CA ILE A 64 1.92 13.03 -7.52
C ILE A 64 0.49 12.63 -7.15
N ILE A 65 -0.23 13.53 -6.48
CA ILE A 65 -1.60 13.23 -6.08
C ILE A 65 -2.44 12.75 -7.26
N ASP A 66 -2.26 13.39 -8.41
CA ASP A 66 -3.08 13.11 -9.57
C ASP A 66 -2.73 11.78 -10.24
N GLU A 67 -1.44 11.57 -10.53
CA GLU A 67 -1.03 10.45 -11.36
C GLU A 67 -0.53 9.23 -10.59
N THR A 68 -0.23 9.40 -9.30
CA THR A 68 0.36 8.32 -8.52
C THR A 68 -0.55 7.78 -7.41
N MET A 69 -1.31 8.66 -6.77
CA MET A 69 -2.20 8.22 -5.70
C MET A 69 -3.50 7.64 -6.27
N ARG A 70 -3.43 6.38 -6.69
CA ARG A 70 -4.58 5.70 -7.29
C ARG A 70 -5.18 4.65 -6.36
N PHE A 71 -6.49 4.71 -6.18
CA PHE A 71 -7.21 3.74 -5.36
C PHE A 71 -8.47 3.28 -6.06
N LYS A 72 -9.01 2.13 -5.64
CA LYS A 72 -10.24 1.61 -6.22
C LYS A 72 -11.40 2.55 -5.89
N ASP A 73 -12.27 2.76 -6.87
CA ASP A 73 -13.34 3.75 -6.75
C ASP A 73 -14.19 3.58 -5.50
N ASN A 74 -14.65 4.71 -4.97
CA ASN A 74 -15.54 4.72 -3.80
C ASN A 74 -14.91 4.08 -2.57
N THR A 75 -13.59 3.94 -2.60
CA THR A 75 -12.84 3.42 -1.47
C THR A 75 -12.48 4.56 -0.52
N PRO A 76 -12.49 4.30 0.80
CA PRO A 76 -12.13 5.34 1.77
C PRO A 76 -10.90 6.17 1.36
N ASN A 77 -9.81 5.51 0.99
CA ASN A 77 -8.61 6.23 0.53
C ASN A 77 -8.84 6.91 -0.81
N ALA A 78 -9.66 6.30 -1.66
CA ALA A 78 -9.97 6.88 -2.96
C ALA A 78 -10.74 8.18 -2.78
N ASN A 79 -11.49 8.28 -1.69
CA ASN A 79 -12.27 9.47 -1.38
C ASN A 79 -11.42 10.56 -0.71
N ALA A 80 -10.44 10.13 0.08
CA ALA A 80 -9.52 11.06 0.71
C ALA A 80 -8.67 11.73 -0.37
N THR A 81 -8.12 10.93 -1.26
CA THR A 81 -7.31 11.43 -2.37
C THR A 81 -8.11 12.42 -3.20
N GLU A 82 -9.42 12.22 -3.25
CA GLU A 82 -10.30 13.12 -3.99
C GLU A 82 -10.33 14.47 -3.28
N ARG A 83 -10.48 14.43 -1.95
CA ARG A 83 -10.48 15.64 -1.16
C ARG A 83 -9.16 16.40 -1.33
N LEU A 84 -8.05 15.69 -1.17
CA LEU A 84 -6.72 16.29 -1.28
C LEU A 84 -6.51 16.89 -2.66
N GLN A 85 -7.01 16.21 -3.68
CA GLN A 85 -6.88 16.70 -5.05
C GLN A 85 -7.61 18.03 -5.18
N GLU A 86 -8.80 18.12 -4.57
CA GLU A 86 -9.56 19.36 -4.55
C GLU A 86 -8.79 20.44 -3.79
N LEU A 87 -8.32 20.09 -2.60
CA LEU A 87 -7.54 21.01 -1.79
C LEU A 87 -6.33 21.52 -2.58
N SER A 88 -5.70 20.62 -3.31
CA SER A 88 -4.56 20.96 -4.14
C SER A 88 -4.91 22.08 -5.13
N ASN A 89 -6.09 21.99 -5.73
CA ASN A 89 -6.52 22.97 -6.70
C ASN A 89 -6.86 24.32 -6.07
N ASN A 90 -7.55 24.27 -4.93
CA ASN A 90 -7.92 25.49 -4.23
C ASN A 90 -6.70 26.17 -3.61
N LEU A 91 -5.66 25.39 -3.36
CA LEU A 91 -4.40 25.93 -2.83
C LEU A 91 -3.60 26.63 -3.91
N ASN A 92 -3.90 26.33 -5.17
CA ASN A 92 -3.18 26.94 -6.28
C ASN A 92 -3.26 28.47 -6.27
N SER A 93 -4.40 29.01 -5.84
CA SER A 93 -4.59 30.45 -5.82
C SER A 93 -3.84 31.11 -4.67
N CYS A 94 -3.28 30.30 -3.79
CA CYS A 94 -2.55 30.81 -2.64
C CYS A 94 -1.05 30.95 -2.94
N PHE A 95 -0.60 30.28 -4.00
CA PHE A 95 0.79 30.37 -4.44
C PHE A 95 0.91 31.26 -5.68
N THR A 96 1.66 32.36 -5.57
CA THR A 96 1.93 33.17 -6.75
C THR A 96 2.96 32.46 -7.61
N LYS A 97 2.92 32.70 -8.91
CA LYS A 97 3.83 32.04 -9.84
C LYS A 97 5.21 32.71 -9.85
N ASP A 98 6.25 31.90 -10.03
CA ASP A 98 7.61 32.41 -10.15
C ASP A 98 8.13 32.20 -11.57
N TYR A 99 9.15 32.95 -11.94
CA TYR A 99 9.76 32.82 -13.26
C TYR A 99 11.11 32.10 -13.17
N GLU A 100 11.37 31.21 -14.12
CA GLU A 100 12.65 30.50 -14.17
C GLU A 100 12.83 29.80 -15.52
N ASN A 103 12.48 25.12 -15.38
CA ASN A 103 11.44 24.55 -14.53
C ASN A 103 11.97 23.37 -13.72
N LYS A 104 12.96 22.67 -14.28
CA LYS A 104 13.58 21.54 -13.60
C LYS A 104 14.65 22.00 -12.62
N ALA A 105 14.57 23.25 -12.17
CA ALA A 105 15.48 23.76 -11.17
C ALA A 105 15.06 23.24 -9.80
N CYS A 106 16.01 22.65 -9.08
CA CYS A 106 15.77 22.20 -7.71
C CYS A 106 14.98 20.90 -7.64
N VAL A 107 14.86 20.20 -8.77
CA VAL A 107 14.11 18.95 -8.83
C VAL A 107 15.04 17.76 -8.96
N ARG A 108 14.71 16.68 -8.27
CA ARG A 108 15.54 15.47 -8.23
C ARG A 108 14.67 14.21 -8.26
N THR A 109 15.19 13.15 -8.86
CA THR A 109 14.50 11.86 -8.87
C THR A 109 14.73 11.09 -7.58
N PHE A 110 13.66 10.54 -7.02
CA PHE A 110 13.74 9.78 -5.78
C PHE A 110 13.31 8.34 -6.02
N HIS A 111 14.11 7.40 -5.54
CA HIS A 111 13.76 5.99 -5.61
C HIS A 111 13.45 5.49 -4.20
N GLU A 112 12.19 5.61 -3.80
CA GLU A 112 11.79 5.33 -2.44
C GLU A 112 10.48 4.56 -2.39
N THR A 113 10.08 4.15 -1.18
CA THR A 113 8.86 3.39 -0.99
C THR A 113 7.66 4.33 -0.98
N PRO A 114 6.46 3.79 -1.27
CA PRO A 114 5.25 4.61 -1.28
C PRO A 114 5.00 5.32 0.05
N LEU A 115 5.26 4.65 1.17
CA LEU A 115 5.07 5.24 2.48
C LEU A 115 5.98 6.45 2.68
N GLN A 116 7.22 6.34 2.21
CA GLN A 116 8.15 7.46 2.27
C GLN A 116 7.63 8.60 1.40
N LEU A 117 7.17 8.26 0.20
CA LEU A 117 6.60 9.24 -0.70
C LEU A 117 5.39 9.93 -0.09
N LEU A 118 4.60 9.19 0.69
CA LEU A 118 3.43 9.75 1.33
C LEU A 118 3.83 10.67 2.48
N GLU A 119 4.86 10.27 3.22
CA GLU A 119 5.37 11.10 4.30
C GLU A 119 5.79 12.46 3.76
N LYS A 120 6.22 12.50 2.51
CA LYS A 120 6.56 13.77 1.87
C LYS A 120 5.30 14.59 1.61
N ILE A 121 4.24 13.93 1.15
CA ILE A 121 2.97 14.61 0.90
C ILE A 121 2.40 15.14 2.21
N LYS A 122 2.40 14.31 3.25
CA LYS A 122 1.89 14.74 4.54
C LYS A 122 2.73 15.89 5.09
N ASN A 123 4.04 15.76 4.99
CA ASN A 123 4.94 16.82 5.47
CA ASN A 123 4.95 16.82 5.46
C ASN A 123 4.70 18.12 4.71
N PHE A 124 4.44 18.01 3.41
CA PHE A 124 4.17 19.20 2.61
C PHE A 124 2.96 19.95 3.15
N PHE A 125 1.86 19.23 3.36
CA PHE A 125 0.63 19.87 3.82
C PHE A 125 0.78 20.46 5.22
N ASN A 126 1.40 19.73 6.14
CA ASN A 126 1.64 20.24 7.48
C ASN A 126 2.33 21.61 7.46
N GLU A 127 3.54 21.65 6.92
CA GLU A 127 4.32 22.89 6.90
C GLU A 127 3.56 23.99 6.18
N THR A 128 2.97 23.67 5.04
CA THR A 128 2.23 24.66 4.26
C THR A 128 1.08 25.19 5.09
N LYS A 129 0.46 24.31 5.87
CA LYS A 129 -0.67 24.71 6.71
C LYS A 129 -0.20 25.69 7.78
N ASN A 130 0.96 25.39 8.37
CA ASN A 130 1.53 26.25 9.40
C ASN A 130 1.83 27.66 8.89
N LEU A 131 2.61 27.74 7.82
CA LEU A 131 3.04 29.04 7.29
C LEU A 131 1.87 29.91 6.82
N LEU A 132 0.74 29.29 6.52
CA LEU A 132 -0.44 30.04 6.11
C LEU A 132 -1.18 30.57 7.33
N GLU A 133 -1.06 29.85 8.45
CA GLU A 133 -1.67 30.28 9.70
C GLU A 133 -0.89 31.43 10.32
N LYS A 134 0.40 31.54 9.97
CA LYS A 134 1.24 32.62 10.47
C LYS A 134 1.17 33.85 9.57
N ASP A 135 1.14 33.63 8.26
CA ASP A 135 1.09 34.73 7.29
C ASP A 135 0.50 34.23 5.98
N TRP A 136 -0.80 34.45 5.78
CA TRP A 136 -1.49 33.87 4.64
C TRP A 136 -0.98 34.40 3.30
N ASN A 137 -0.14 35.43 3.33
CA ASN A 137 0.44 35.96 2.10
C ASN A 137 1.86 35.43 1.87
N ILE A 138 2.31 34.54 2.75
CA ILE A 138 3.70 34.11 2.74
C ILE A 138 4.16 33.61 1.37
N PHE A 139 3.31 32.86 0.69
CA PHE A 139 3.70 32.24 -0.58
C PHE A 139 3.53 33.18 -1.76
N THR A 140 3.38 34.47 -1.45
CA THR A 140 3.48 35.51 -2.47
C THR A 140 4.96 35.74 -2.77
N LYS A 141 5.81 35.35 -1.83
CA LYS A 141 7.24 35.60 -1.94
C LYS A 141 7.80 35.33 -3.33
N ASN A 142 8.77 36.15 -3.73
CA ASN A 142 9.50 35.96 -4.97
C ASN A 142 10.67 35.02 -4.74
N CYS A 143 10.61 33.84 -5.34
CA CYS A 143 11.63 32.82 -5.11
C CYS A 143 12.60 32.69 -6.28
N ASN A 144 12.56 33.66 -7.19
CA ASN A 144 13.43 33.61 -8.36
C ASN A 144 14.89 33.36 -8.01
N ASN A 145 15.37 34.00 -6.94
CA ASN A 145 16.77 33.84 -6.56
C ASN A 145 17.09 32.48 -5.96
N SER A 146 16.19 31.95 -5.15
CA SER A 146 16.40 30.63 -4.55
C SER A 146 16.43 29.55 -5.63
N PHE A 147 15.49 29.63 -6.56
CA PHE A 147 15.44 28.69 -7.66
C PHE A 147 16.70 28.82 -8.51
N ALA A 148 17.11 30.06 -8.76
CA ALA A 148 18.29 30.31 -9.59
C ALA A 148 19.57 29.75 -8.98
N LYS A 149 19.63 29.70 -7.65
CA LYS A 149 20.79 29.17 -6.95
C LYS A 149 21.01 27.68 -7.24
N CYS A 150 19.94 26.97 -7.59
CA CYS A 150 20.02 25.55 -7.90
C CYS A 150 20.88 25.30 -9.14
N SER A 151 21.60 24.18 -9.13
CA SER A 151 22.48 23.82 -10.24
C SER A 151 22.29 22.36 -10.64
N LYS B 5 -5.12 -40.29 7.60
CA LYS B 5 -6.13 -40.56 8.67
C LYS B 5 -6.97 -39.33 8.96
N GLU B 6 -7.75 -39.39 10.03
CA GLU B 6 -8.67 -38.31 10.37
C GLU B 6 -7.95 -37.06 10.86
N VAL B 7 -8.61 -35.92 10.72
CA VAL B 7 -8.14 -34.66 11.31
C VAL B 7 -9.29 -34.02 12.08
N SER B 8 -9.01 -32.90 12.73
CA SER B 8 -10.02 -32.21 13.53
C SER B 8 -11.24 -31.86 12.69
N GLU B 9 -12.43 -32.01 13.28
CA GLU B 9 -13.68 -31.64 12.62
C GLU B 9 -13.84 -30.12 12.59
N HIS B 10 -13.26 -29.44 13.57
CA HIS B 10 -13.22 -27.98 13.61
C HIS B 10 -12.78 -27.39 12.27
N CYS B 11 -11.89 -28.08 11.58
CA CYS B 11 -11.36 -27.61 10.31
C CYS B 11 -12.45 -27.25 9.32
N SER B 12 -13.63 -27.83 9.51
CA SER B 12 -14.77 -27.59 8.62
C SER B 12 -15.24 -26.14 8.62
N HIS B 13 -15.07 -25.46 9.76
CA HIS B 13 -15.57 -24.10 9.93
C HIS B 13 -14.47 -23.15 10.41
N MET B 14 -13.22 -23.51 10.19
CA MET B 14 -12.10 -22.72 10.65
C MET B 14 -12.12 -21.33 10.02
N ILE B 15 -12.38 -21.29 8.73
CA ILE B 15 -12.39 -20.04 7.97
C ILE B 15 -13.81 -19.48 7.85
N GLY B 16 -14.03 -18.33 8.47
CA GLY B 16 -15.33 -17.67 8.42
C GLY B 16 -15.36 -16.55 7.40
N ASN B 17 -16.55 -16.00 7.17
CA ASN B 17 -16.71 -14.87 6.27
C ASN B 17 -16.09 -13.60 6.84
N GLY B 18 -15.97 -13.55 8.16
CA GLY B 18 -15.33 -12.43 8.82
C GLY B 18 -13.87 -12.30 8.39
N HIS B 19 -13.25 -13.45 8.11
CA HIS B 19 -11.86 -13.48 7.69
C HIS B 19 -11.68 -12.96 6.27
N LEU B 20 -12.64 -13.26 5.40
CA LEU B 20 -12.56 -12.82 4.01
C LEU B 20 -12.91 -11.35 3.85
N LYS B 21 -13.87 -10.87 4.63
CA LYS B 21 -14.23 -9.45 4.61
C LYS B 21 -13.05 -8.62 5.08
N VAL B 22 -12.49 -9.01 6.23
CA VAL B 22 -11.31 -8.36 6.76
C VAL B 22 -10.21 -8.33 5.72
N LEU B 23 -10.15 -9.36 4.90
CA LEU B 23 -9.12 -9.48 3.88
C LEU B 23 -9.40 -8.54 2.71
N GLN B 24 -10.67 -8.34 2.39
CA GLN B 24 -11.03 -7.48 1.26
C GLN B 24 -10.88 -6.00 1.64
N GLN B 25 -11.29 -5.66 2.85
CA GLN B 25 -11.13 -4.29 3.33
C GLN B 25 -9.66 -3.93 3.30
N LEU B 26 -8.83 -4.88 3.70
CA LEU B 26 -7.38 -4.70 3.68
C LEU B 26 -6.93 -4.42 2.25
N ILE B 27 -7.36 -5.26 1.32
CA ILE B 27 -7.03 -5.08 -0.09
C ILE B 27 -7.49 -3.72 -0.61
N ASP B 28 -8.75 -3.39 -0.34
CA ASP B 28 -9.35 -2.16 -0.84
C ASP B 28 -8.48 -0.93 -0.52
N SER B 29 -7.91 -0.92 0.68
CA SER B 29 -7.17 0.25 1.15
C SER B 29 -5.81 0.41 0.47
N GLN B 30 -5.31 -0.66 -0.14
CA GLN B 30 -3.98 -0.64 -0.73
C GLN B 30 -3.91 0.22 -2.00
N MET B 31 -2.82 0.95 -2.14
CA MET B 31 -2.62 1.86 -3.26
C MET B 31 -2.05 1.13 -4.46
N GLU B 32 -2.59 1.42 -5.63
CA GLU B 32 -2.14 0.78 -6.87
C GLU B 32 -0.81 1.37 -7.32
N THR B 33 0.24 0.55 -7.34
CA THR B 33 1.56 1.00 -7.78
C THR B 33 2.15 0.07 -8.83
N SER B 34 3.18 0.57 -9.51
CA SER B 34 3.90 -0.21 -10.51
C SER B 34 4.93 -1.11 -9.84
N CYS B 35 5.41 -0.68 -8.66
CA CYS B 35 6.43 -1.41 -7.94
C CYS B 35 6.03 -2.87 -7.75
N GLN B 36 6.93 -3.77 -8.13
CA GLN B 36 6.70 -5.19 -7.98
C GLN B 36 7.58 -5.75 -6.86
N ILE B 37 7.01 -6.62 -6.03
CA ILE B 37 7.78 -7.29 -4.99
C ILE B 37 7.95 -8.77 -5.32
N ALA B 38 9.08 -9.33 -4.91
CA ALA B 38 9.41 -10.72 -5.21
C ALA B 38 8.93 -11.65 -4.10
N PHE B 39 8.29 -12.74 -4.49
CA PHE B 39 7.79 -13.72 -3.52
C PHE B 39 7.65 -15.10 -4.16
N GLU B 40 7.87 -16.14 -3.36
CA GLU B 40 7.77 -17.52 -3.82
C GLU B 40 6.32 -18.02 -3.72
N PHE B 41 5.82 -18.59 -4.81
CA PHE B 41 4.45 -19.12 -4.82
C PHE B 41 4.33 -20.31 -5.78
N VAL B 42 3.16 -20.92 -5.81
CA VAL B 42 2.93 -22.11 -6.63
C VAL B 42 2.85 -21.79 -8.11
N ASP B 43 3.65 -22.52 -8.89
CA ASP B 43 3.62 -22.42 -10.34
C ASP B 43 2.47 -23.27 -10.89
N GLN B 44 1.42 -22.62 -11.39
CA GLN B 44 0.27 -23.32 -11.93
C GLN B 44 0.64 -24.19 -13.14
N GLU B 45 1.58 -23.69 -13.94
CA GLU B 45 1.99 -24.40 -15.16
C GLU B 45 2.44 -25.83 -14.86
N GLN B 46 2.90 -26.06 -13.64
CA GLN B 46 3.43 -27.37 -13.25
C GLN B 46 2.61 -28.06 -12.16
N LEU B 47 1.47 -27.48 -11.80
CA LEU B 47 0.62 -28.03 -10.75
C LEU B 47 -0.82 -27.53 -10.90
N ASP B 48 -1.67 -28.38 -11.48
CA ASP B 48 -3.06 -28.02 -11.77
C ASP B 48 -4.02 -28.56 -10.72
N ASP B 49 -3.76 -29.77 -10.24
CA ASP B 49 -4.64 -30.43 -9.28
C ASP B 49 -5.10 -29.45 -8.20
N PRO B 50 -6.40 -29.12 -8.21
CA PRO B 50 -6.96 -28.13 -7.28
C PRO B 50 -6.61 -28.39 -5.82
N VAL B 51 -6.72 -29.65 -5.39
CA VAL B 51 -6.49 -30.01 -4.00
C VAL B 51 -5.03 -29.86 -3.63
N CYS B 52 -4.16 -30.47 -4.42
CA CYS B 52 -2.73 -30.41 -4.17
C CYS B 52 -2.17 -29.01 -4.39
N TYR B 53 -2.84 -28.24 -5.24
CA TYR B 53 -2.44 -26.86 -5.47
C TYR B 53 -2.58 -26.06 -4.18
N LEU B 54 -3.76 -26.12 -3.59
CA LEU B 54 -4.01 -25.41 -2.34
C LEU B 54 -3.16 -25.99 -1.21
N LYS B 55 -2.96 -27.30 -1.25
CA LYS B 55 -2.15 -27.97 -0.23
C LYS B 55 -0.73 -27.42 -0.23
N LYS B 56 -0.19 -27.17 -1.41
CA LYS B 56 1.16 -26.64 -1.55
C LYS B 56 1.17 -25.14 -1.28
N ALA B 57 0.07 -24.47 -1.62
CA ALA B 57 -0.03 -23.02 -1.44
C ALA B 57 -0.12 -22.66 0.04
N PHE B 58 -0.87 -23.44 0.80
CA PHE B 58 -1.11 -23.14 2.21
C PHE B 58 0.18 -22.77 2.95
N PHE B 59 1.23 -23.53 2.68
CA PHE B 59 2.48 -23.35 3.42
C PHE B 59 3.23 -22.11 2.95
N LEU B 60 3.08 -21.77 1.67
CA LEU B 60 3.69 -20.56 1.13
C LEU B 60 2.92 -19.32 1.60
N VAL B 61 1.60 -19.46 1.69
CA VAL B 61 0.74 -18.40 2.19
C VAL B 61 1.12 -18.05 3.62
N GLN B 62 1.42 -19.06 4.41
CA GLN B 62 1.79 -18.87 5.81
C GLN B 62 3.02 -17.98 5.93
N ASP B 63 4.08 -18.35 5.21
CA ASP B 63 5.31 -17.56 5.21
C ASP B 63 5.03 -16.11 4.85
N ILE B 64 4.24 -15.91 3.80
CA ILE B 64 3.93 -14.58 3.32
C ILE B 64 3.20 -13.74 4.37
N ILE B 65 2.28 -14.36 5.11
CA ILE B 65 1.57 -13.65 6.16
C ILE B 65 2.54 -13.17 7.23
N ASP B 66 3.49 -14.02 7.59
CA ASP B 66 4.42 -13.71 8.67
C ASP B 66 5.51 -12.72 8.23
N GLU B 67 5.95 -12.83 6.98
CA GLU B 67 7.18 -12.17 6.55
C GLU B 67 7.02 -11.13 5.44
N THR B 68 5.78 -10.78 5.09
CA THR B 68 5.56 -9.76 4.06
C THR B 68 4.41 -8.81 4.40
N MET B 69 3.32 -9.36 4.94
CA MET B 69 2.18 -8.52 5.31
C MET B 69 2.50 -7.74 6.58
N ARG B 70 3.27 -6.66 6.42
CA ARG B 70 3.64 -5.82 7.54
C ARG B 70 2.83 -4.52 7.56
N PHE B 71 2.23 -4.23 8.70
CA PHE B 71 1.43 -3.02 8.87
C PHE B 71 1.78 -2.32 10.18
N LYS B 72 1.60 -1.00 10.20
CA LYS B 72 1.86 -0.21 11.39
C LYS B 72 1.06 -0.78 12.57
N ASP B 73 1.74 -0.96 13.70
CA ASP B 73 1.15 -1.62 14.85
C ASP B 73 -0.19 -1.03 15.27
N ASN B 74 -1.14 -1.92 15.59
CA ASN B 74 -2.44 -1.54 16.12
C ASN B 74 -3.37 -0.83 15.14
N THR B 75 -3.01 -0.81 13.86
CA THR B 75 -3.87 -0.27 12.83
C THR B 75 -4.89 -1.34 12.40
N PRO B 76 -6.04 -0.90 11.86
CA PRO B 76 -7.09 -1.84 11.45
C PRO B 76 -6.54 -3.00 10.61
N ASN B 77 -5.64 -2.70 9.68
CA ASN B 77 -5.05 -3.72 8.82
C ASN B 77 -4.11 -4.63 9.60
N ALA B 78 -3.30 -4.05 10.48
CA ALA B 78 -2.43 -4.84 11.34
C ALA B 78 -3.25 -5.88 12.09
N ASN B 79 -4.41 -5.46 12.59
CA ASN B 79 -5.30 -6.35 13.32
C ASN B 79 -5.84 -7.45 12.42
N ALA B 80 -6.14 -7.10 11.17
CA ALA B 80 -6.55 -8.08 10.19
C ALA B 80 -5.51 -9.19 10.10
N THR B 81 -4.26 -8.78 9.92
CA THR B 81 -3.16 -9.73 9.77
C THR B 81 -3.00 -10.58 11.03
N GLU B 82 -3.27 -9.99 12.19
CA GLU B 82 -3.26 -10.75 13.44
C GLU B 82 -4.20 -11.94 13.31
N ARG B 83 -5.45 -11.65 12.97
CA ARG B 83 -6.47 -12.66 12.82
C ARG B 83 -6.09 -13.71 11.78
N LEU B 84 -5.52 -13.27 10.66
CA LEU B 84 -5.11 -14.18 9.60
C LEU B 84 -3.91 -15.00 10.03
N GLN B 85 -3.00 -14.37 10.78
CA GLN B 85 -1.82 -15.06 11.25
C GLN B 85 -2.22 -16.20 12.20
N GLU B 86 -3.23 -15.94 13.01
CA GLU B 86 -3.75 -16.94 13.94
C GLU B 86 -4.46 -18.05 13.19
N LEU B 87 -5.38 -17.68 12.31
CA LEU B 87 -6.09 -18.63 11.47
C LEU B 87 -5.13 -19.62 10.84
N SER B 88 -4.05 -19.10 10.25
CA SER B 88 -3.06 -19.92 9.56
C SER B 88 -2.45 -20.95 10.49
N ASN B 89 -2.27 -20.61 11.75
CA ASN B 89 -1.69 -21.54 12.71
C ASN B 89 -2.66 -22.68 13.01
N ASN B 90 -3.93 -22.33 13.21
CA ASN B 90 -4.95 -23.33 13.49
C ASN B 90 -5.05 -24.33 12.34
N LEU B 91 -4.88 -23.83 11.12
CA LEU B 91 -5.05 -24.67 9.93
C LEU B 91 -3.94 -25.70 9.78
N ASN B 92 -2.86 -25.56 10.53
CA ASN B 92 -1.80 -26.56 10.52
C ASN B 92 -2.36 -27.95 10.81
N SER B 93 -3.46 -28.00 11.56
CA SER B 93 -4.07 -29.26 11.96
C SER B 93 -4.91 -29.89 10.85
N CYS B 94 -4.97 -29.25 9.69
CA CYS B 94 -5.84 -29.69 8.61
C CYS B 94 -5.08 -30.09 7.35
N PHE B 95 -3.76 -29.96 7.40
CA PHE B 95 -2.90 -30.27 6.26
C PHE B 95 -1.85 -31.30 6.65
N THR B 96 -1.97 -32.51 6.11
CA THR B 96 -0.97 -33.56 6.36
C THR B 96 0.27 -33.29 5.52
N LYS B 97 1.41 -33.79 5.99
CA LYS B 97 2.67 -33.58 5.28
C LYS B 97 2.84 -34.61 4.17
N ASP B 98 3.37 -34.17 3.04
CA ASP B 98 3.63 -35.05 1.91
C ASP B 98 5.13 -35.19 1.67
N TYR B 99 5.55 -36.35 1.18
CA TYR B 99 6.97 -36.56 0.89
C TYR B 99 7.39 -35.75 -0.32
N GLU B 100 8.52 -35.06 -0.19
CA GLU B 100 9.05 -34.23 -1.26
C GLU B 100 10.31 -34.84 -1.86
N ASN B 103 11.39 -30.64 -2.56
CA ASN B 103 10.55 -29.82 -1.68
C ASN B 103 10.43 -28.38 -2.17
N LYS B 104 11.32 -27.99 -3.07
CA LYS B 104 11.29 -26.65 -3.66
C LYS B 104 10.81 -26.67 -5.10
N ALA B 105 10.33 -27.84 -5.55
CA ALA B 105 9.73 -27.96 -6.86
C ALA B 105 8.25 -27.58 -6.78
N CYS B 106 7.64 -27.28 -7.92
CA CYS B 106 6.27 -26.79 -7.98
C CYS B 106 6.19 -25.31 -7.60
N VAL B 107 7.34 -24.73 -7.21
CA VAL B 107 7.38 -23.35 -6.76
C VAL B 107 8.28 -22.51 -7.65
N ARG B 108 7.84 -21.28 -7.91
CA ARG B 108 8.62 -20.35 -8.73
C ARG B 108 8.69 -18.99 -8.06
N THR B 109 9.55 -18.12 -8.59
CA THR B 109 9.69 -16.77 -8.07
C THR B 109 8.71 -15.82 -8.76
N PHE B 110 7.83 -15.23 -7.96
CA PHE B 110 6.83 -14.29 -8.47
C PHE B 110 7.24 -12.84 -8.22
N HIS B 111 7.23 -12.04 -9.28
CA HIS B 111 7.48 -10.61 -9.16
C HIS B 111 6.23 -9.84 -9.60
N GLU B 112 5.40 -9.45 -8.62
CA GLU B 112 4.13 -8.82 -8.92
C GLU B 112 3.75 -7.77 -7.89
N THR B 113 2.76 -6.95 -8.23
CA THR B 113 2.32 -5.86 -7.37
C THR B 113 1.80 -6.40 -6.05
N PRO B 114 2.11 -5.70 -4.94
CA PRO B 114 1.57 -6.09 -3.64
C PRO B 114 0.08 -6.37 -3.69
N LEU B 115 -0.61 -5.70 -4.61
CA LEU B 115 -2.05 -5.84 -4.73
C LEU B 115 -2.40 -7.17 -5.38
N GLN B 116 -1.67 -7.52 -6.43
CA GLN B 116 -1.87 -8.79 -7.12
C GLN B 116 -1.52 -9.96 -6.20
N LEU B 117 -0.64 -9.70 -5.24
CA LEU B 117 -0.27 -10.73 -4.26
C LEU B 117 -1.42 -10.94 -3.29
N LEU B 118 -1.91 -9.86 -2.71
CA LEU B 118 -3.02 -9.95 -1.76
C LEU B 118 -4.25 -10.59 -2.40
N GLU B 119 -4.32 -10.58 -3.72
CA GLU B 119 -5.41 -11.25 -4.43
C GLU B 119 -5.21 -12.76 -4.34
N LYS B 120 -3.98 -13.23 -4.52
CA LYS B 120 -3.69 -14.65 -4.45
C LYS B 120 -4.04 -15.19 -3.08
N ILE B 121 -3.70 -14.46 -2.03
CA ILE B 121 -3.98 -14.90 -0.67
C ILE B 121 -5.49 -15.00 -0.49
N LYS B 122 -6.21 -13.99 -0.96
CA LYS B 122 -7.66 -13.99 -0.91
C LYS B 122 -8.20 -15.26 -1.57
N ASN B 123 -7.89 -15.44 -2.85
CA ASN B 123 -8.35 -16.58 -3.60
C ASN B 123 -8.04 -17.91 -2.91
N PHE B 124 -6.93 -17.96 -2.20
CA PHE B 124 -6.56 -19.17 -1.47
C PHE B 124 -7.53 -19.44 -0.33
N PHE B 125 -7.74 -18.43 0.52
CA PHE B 125 -8.62 -18.60 1.67
C PHE B 125 -10.05 -18.86 1.23
N ASN B 126 -10.39 -18.46 0.02
CA ASN B 126 -11.73 -18.67 -0.52
C ASN B 126 -11.91 -20.12 -1.01
N GLU B 127 -11.04 -20.55 -1.91
CA GLU B 127 -11.11 -21.91 -2.43
C GLU B 127 -10.93 -22.91 -1.29
N THR B 128 -10.00 -22.60 -0.39
CA THR B 128 -9.71 -23.47 0.75
C THR B 128 -10.92 -23.57 1.67
N LYS B 129 -11.61 -22.45 1.85
CA LYS B 129 -12.81 -22.41 2.68
C LYS B 129 -13.88 -23.34 2.12
N ASN B 130 -14.18 -23.18 0.83
CA ASN B 130 -15.19 -24.01 0.19
C ASN B 130 -14.91 -25.49 0.37
N LEU B 131 -13.75 -25.93 -0.07
CA LEU B 131 -13.39 -27.35 -0.01
C LEU B 131 -13.57 -27.91 1.39
N LEU B 132 -13.02 -27.21 2.39
CA LEU B 132 -13.09 -27.68 3.76
C LEU B 132 -14.54 -27.84 4.22
N GLU B 133 -15.43 -26.98 3.76
CA GLU B 133 -16.84 -27.11 4.09
C GLU B 133 -17.38 -28.42 3.56
N LYS B 134 -17.02 -28.73 2.32
CA LYS B 134 -17.48 -29.95 1.64
C LYS B 134 -16.93 -31.22 2.29
N ASP B 135 -15.65 -31.20 2.64
CA ASP B 135 -14.99 -32.37 3.21
C ASP B 135 -13.79 -31.95 4.04
N TRP B 136 -13.95 -31.86 5.36
CA TRP B 136 -12.90 -31.35 6.23
C TRP B 136 -11.72 -32.32 6.43
N ASN B 137 -11.71 -33.41 5.67
CA ASN B 137 -10.54 -34.29 5.63
C ASN B 137 -9.83 -34.16 4.28
N ILE B 138 -10.29 -33.22 3.46
CA ILE B 138 -9.82 -33.12 2.08
C ILE B 138 -8.30 -32.99 1.96
N PHE B 139 -7.69 -32.18 2.82
CA PHE B 139 -6.26 -31.88 2.70
C PHE B 139 -5.39 -32.92 3.39
N THR B 140 -5.96 -34.09 3.64
CA THR B 140 -5.18 -35.24 4.07
C THR B 140 -4.74 -36.04 2.86
N LYS B 141 -5.15 -35.57 1.68
CA LYS B 141 -4.84 -36.26 0.44
C LYS B 141 -3.35 -36.51 0.27
N ASN B 142 -3.01 -37.63 -0.34
CA ASN B 142 -1.64 -37.90 -0.73
C ASN B 142 -1.32 -37.14 -2.01
N CYS B 143 -0.32 -36.27 -1.98
CA CYS B 143 0.01 -35.46 -3.14
C CYS B 143 1.42 -35.77 -3.66
N ASN B 144 2.00 -36.87 -3.20
CA ASN B 144 3.37 -37.24 -3.57
C ASN B 144 3.57 -37.23 -5.08
N ASN B 145 2.59 -37.75 -5.81
CA ASN B 145 2.67 -37.82 -7.27
C ASN B 145 2.48 -36.45 -7.89
N SER B 146 1.31 -35.84 -7.67
CA SER B 146 1.05 -34.48 -8.16
C SER B 146 2.29 -33.62 -8.02
N PHE B 147 2.86 -33.59 -6.82
CA PHE B 147 4.08 -32.85 -6.56
C PHE B 147 5.22 -33.34 -7.45
N ALA B 148 5.42 -34.64 -7.49
CA ALA B 148 6.52 -35.23 -8.26
C ALA B 148 6.41 -34.97 -9.76
N LYS B 149 5.22 -34.62 -10.23
CA LYS B 149 5.01 -34.35 -11.65
C LYS B 149 5.51 -32.97 -12.07
N CYS B 150 5.92 -32.16 -11.08
CA CYS B 150 6.41 -30.81 -11.36
C CYS B 150 7.80 -30.81 -12.01
#